data_6A4M
#
_entry.id   6A4M
#
_cell.length_a   133.050
_cell.length_b   133.050
_cell.length_c   90.227
_cell.angle_alpha   90.000
_cell.angle_beta   90.000
_cell.angle_gamma   120.000
#
_symmetry.space_group_name_H-M   'P 62 2 2'
#
loop_
_entity.id
_entity.type
_entity.pdbx_description
1 polymer 'Uric acid degradation bifunctional protein PucL'
2 non-polymer GLYCEROL
3 water water
#
_entity_poly.entity_id   1
_entity_poly.type   'polypeptide(L)'
_entity_poly.pdbx_seq_one_letter_code
;MSYGKGNVFAYRTYLKPLTGVKQIPESSFAGRDNTVVGVDVTCEIGGEAFLPSFTDGDNTLVVATDSMKNFIQRHLASYE
GTTTEGFLHYVAHRFLDTYSHMDTITLTGEDIPFEAMPAYEEKELSTSRLVFRRSRNERSRSVLKAERSGNTITITEQYS
EIMDLQLVKVSGNSFVGFIRDEYTTLPEDGNRPLFVYLNISWQYENTNDSYASDPARYVAAEQVRDLASTVFHELETPSI
QNLIYHIGCRILARFPQLTDVSFQSQNHTWDTVVEEIPGSKGKVYTEPRPPYGFQHFTVTREDAE
;
_entity_poly.pdbx_strand_id   A
#
# COMPACT_ATOMS: atom_id res chain seq x y z
N MET A 1 -8.93 -12.99 23.53
CA MET A 1 -8.06 -14.20 23.41
C MET A 1 -7.84 -14.60 21.95
N SER A 2 -6.58 -14.78 21.56
CA SER A 2 -6.23 -15.16 20.19
C SER A 2 -4.83 -15.75 20.08
N TYR A 3 -4.54 -16.32 18.91
CA TYR A 3 -3.21 -16.87 18.61
C TYR A 3 -3.00 -16.99 17.11
N GLY A 4 -1.76 -17.27 16.71
CA GLY A 4 -1.46 -17.48 15.31
C GLY A 4 0.00 -17.43 14.96
N LYS A 5 0.29 -17.07 13.71
CA LYS A 5 1.64 -17.08 13.17
C LYS A 5 1.99 -15.72 12.58
N GLY A 6 3.21 -15.24 12.88
CA GLY A 6 3.74 -14.00 12.30
C GLY A 6 5.01 -14.28 11.51
N ASN A 7 5.44 -13.28 10.73
CA ASN A 7 6.61 -13.38 9.84
C ASN A 7 6.53 -14.58 8.88
N VAL A 8 5.34 -14.81 8.33
CA VAL A 8 5.16 -15.86 7.34
C VAL A 8 5.46 -15.27 5.96
N PHE A 9 6.72 -15.37 5.56
CA PHE A 9 7.16 -14.93 4.24
C PHE A 9 6.71 -15.93 3.19
N ALA A 10 6.17 -15.42 2.08
CA ALA A 10 5.79 -16.26 0.96
C ALA A 10 6.07 -15.51 -0.34
N TYR A 11 6.87 -16.12 -1.21
CA TYR A 11 7.18 -15.58 -2.53
C TYR A 11 6.54 -16.46 -3.61
N ARG A 12 5.84 -15.82 -4.55
CA ARG A 12 5.19 -16.53 -5.65
C ARG A 12 5.72 -16.02 -6.98
N THR A 13 6.28 -16.91 -7.80
CA THR A 13 6.62 -16.59 -9.18
C THR A 13 5.41 -16.84 -10.09
N TYR A 14 5.33 -16.05 -11.15
CA TYR A 14 4.29 -16.16 -12.19
C TYR A 14 2.86 -16.26 -11.67
N LEU A 15 2.50 -15.33 -10.79
CA LEU A 15 1.11 -15.11 -10.39
C LEU A 15 0.37 -14.51 -11.59
N LYS A 16 -0.95 -14.68 -11.64
CA LYS A 16 -1.75 -14.16 -12.75
C LYS A 16 -1.55 -12.64 -12.87
N PRO A 17 -1.18 -12.13 -14.06
CA PRO A 17 -0.96 -10.69 -14.21
C PRO A 17 -2.21 -9.84 -13.95
N LEU A 18 -2.03 -8.69 -13.30
CA LEU A 18 -3.10 -7.70 -13.16
C LEU A 18 -3.14 -6.86 -14.43
N THR A 19 -4.19 -7.05 -15.23
CA THR A 19 -4.37 -6.35 -16.50
C THR A 19 -5.77 -5.76 -16.60
N GLY A 20 -5.95 -4.84 -17.54
CA GLY A 20 -7.25 -4.18 -17.76
C GLY A 20 -7.66 -3.21 -16.66
N VAL A 21 -6.68 -2.62 -15.97
CA VAL A 21 -6.95 -1.63 -14.91
C VAL A 21 -7.40 -0.30 -15.51
N LYS A 22 -8.11 0.50 -14.71
CA LYS A 22 -8.52 1.84 -15.12
C LYS A 22 -7.38 2.82 -14.83
N GLN A 23 -6.78 3.36 -15.89
CA GLN A 23 -5.67 4.30 -15.74
C GLN A 23 -6.19 5.69 -15.37
N ILE A 24 -5.39 6.42 -14.60
CA ILE A 24 -5.69 7.82 -14.25
C ILE A 24 -4.61 8.73 -14.82
N PRO A 25 -4.94 10.03 -15.05
CA PRO A 25 -3.94 10.94 -15.64
C PRO A 25 -2.66 11.12 -14.80
N GLU A 26 -2.77 11.04 -13.48
CA GLU A 26 -1.66 11.33 -12.56
C GLU A 26 -0.68 10.15 -12.33
N SER A 27 -0.87 9.02 -13.01
CA SER A 27 -0.03 7.84 -12.83
C SER A 27 0.08 7.02 -14.12
N SER A 28 1.30 6.60 -14.44
CA SER A 28 1.55 5.74 -15.59
C SER A 28 1.17 4.28 -15.34
N PHE A 29 0.77 3.93 -14.11
CA PHE A 29 0.36 2.57 -13.77
C PHE A 29 -0.65 2.00 -14.77
N ALA A 30 -0.29 0.89 -15.41
CA ALA A 30 -1.14 0.22 -16.40
C ALA A 30 -1.33 -1.27 -16.09
N GLY A 31 -1.12 -1.65 -14.83
CA GLY A 31 -1.20 -3.05 -14.40
C GLY A 31 0.10 -3.56 -13.81
N ARG A 32 0.11 -4.85 -13.47
CA ARG A 32 1.28 -5.52 -12.90
C ARG A 32 1.48 -6.85 -13.62
N ASP A 33 2.70 -7.09 -14.11
CA ASP A 33 3.05 -8.39 -14.70
C ASP A 33 3.00 -9.54 -13.68
N ASN A 34 3.27 -9.23 -12.40
CA ASN A 34 3.25 -10.20 -11.30
C ASN A 34 4.20 -11.39 -11.54
N THR A 35 5.33 -11.13 -12.20
CA THR A 35 6.33 -12.15 -12.50
C THR A 35 6.94 -12.73 -11.23
N VAL A 36 7.19 -11.85 -10.26
CA VAL A 36 7.58 -12.28 -8.91
C VAL A 36 6.88 -11.36 -7.89
N VAL A 37 6.28 -12.00 -6.89
CA VAL A 37 5.49 -11.33 -5.87
C VAL A 37 5.95 -11.87 -4.52
N GLY A 38 6.14 -10.97 -3.56
CA GLY A 38 6.50 -11.34 -2.21
C GLY A 38 5.50 -10.74 -1.25
N VAL A 39 5.11 -11.51 -0.23
CA VAL A 39 4.20 -11.03 0.79
C VAL A 39 4.61 -11.56 2.17
N ASP A 40 4.35 -10.76 3.18
CA ASP A 40 4.67 -11.08 4.56
C ASP A 40 3.37 -11.17 5.34
N VAL A 41 2.93 -12.40 5.62
CA VAL A 41 1.63 -12.64 6.23
C VAL A 41 1.77 -12.72 7.74
N THR A 42 0.86 -12.01 8.43
CA THR A 42 0.58 -12.21 9.84
C THR A 42 -0.83 -12.78 9.93
N CYS A 43 -1.00 -13.86 10.70
CA CYS A 43 -2.29 -14.52 10.85
C CYS A 43 -2.66 -14.65 12.32
N GLU A 44 -3.87 -14.20 12.67
CA GLU A 44 -4.36 -14.18 14.05
C GLU A 44 -5.79 -14.72 14.08
N ILE A 45 -6.03 -15.77 14.87
CA ILE A 45 -7.35 -16.39 14.96
C ILE A 45 -7.87 -16.40 16.39
N GLY A 46 -9.17 -16.11 16.54
CA GLY A 46 -9.82 -16.04 17.86
C GLY A 46 -10.44 -17.37 18.26
N VAL A 63 2.07 -28.88 15.95
CA VAL A 63 1.47 -27.70 16.58
C VAL A 63 0.57 -26.97 15.56
N ALA A 64 -0.48 -26.32 16.07
CA ALA A 64 -1.51 -25.69 15.23
C ALA A 64 -1.02 -24.46 14.44
N THR A 65 -0.04 -23.73 14.96
CA THR A 65 0.51 -22.55 14.27
C THR A 65 1.38 -22.94 13.06
N ASP A 66 1.98 -24.12 13.09
CA ASP A 66 2.75 -24.63 11.94
C ASP A 66 1.82 -25.01 10.79
N SER A 67 0.63 -25.52 11.12
CA SER A 67 -0.42 -25.79 10.13
C SER A 67 -0.87 -24.51 9.45
N MET A 68 -1.07 -23.45 10.24
CA MET A 68 -1.40 -22.11 9.73
C MET A 68 -0.39 -21.60 8.71
N LYS A 69 0.91 -21.76 9.03
CA LYS A 69 2.00 -21.37 8.13
C LYS A 69 1.90 -22.14 6.82
N ASN A 70 1.79 -23.46 6.91
CA ASN A 70 1.69 -24.31 5.72
C ASN A 70 0.41 -24.04 4.92
N PHE A 71 -0.69 -23.78 5.63
CA PHE A 71 -1.97 -23.43 5.01
C PHE A 71 -1.86 -22.16 4.16
N ILE A 72 -1.24 -21.13 4.74
CA ILE A 72 -1.02 -19.85 4.04
C ILE A 72 -0.15 -20.04 2.80
N GLN A 73 0.96 -20.77 2.96
CA GLN A 73 1.94 -20.94 1.88
C GLN A 73 1.42 -21.73 0.69
N ARG A 74 0.75 -22.86 0.94
CA ARG A 74 0.18 -23.66 -0.14
C ARG A 74 -1.01 -22.97 -0.80
N HIS A 75 -1.77 -22.18 -0.04
CA HIS A 75 -2.84 -21.37 -0.62
C HIS A 75 -2.35 -20.24 -1.54
N LEU A 76 -1.15 -19.71 -1.30
CA LEU A 76 -0.52 -18.80 -2.27
C LEU A 76 -0.21 -19.52 -3.59
N ALA A 77 0.10 -20.82 -3.53
CA ALA A 77 0.29 -21.65 -4.73
C ALA A 77 -1.00 -21.89 -5.51
N SER A 78 -2.09 -22.20 -4.81
CA SER A 78 -3.38 -22.50 -5.47
C SER A 78 -4.19 -21.25 -5.84
N TYR A 79 -3.84 -20.09 -5.27
CA TYR A 79 -4.56 -18.83 -5.51
C TYR A 79 -4.43 -18.36 -6.96
N GLU A 80 -5.56 -18.15 -7.63
CA GLU A 80 -5.60 -17.81 -9.07
C GLU A 80 -5.98 -16.36 -9.38
N GLY A 81 -5.93 -15.49 -8.36
CA GLY A 81 -6.21 -14.06 -8.53
C GLY A 81 -4.94 -13.24 -8.76
N THR A 82 -5.12 -11.92 -8.82
CA THR A 82 -4.04 -10.99 -9.21
C THR A 82 -3.50 -10.10 -8.09
N THR A 83 -4.12 -10.13 -6.91
CA THR A 83 -3.83 -9.17 -5.84
C THR A 83 -3.65 -9.81 -4.47
N THR A 84 -2.85 -9.14 -3.63
CA THR A 84 -2.70 -9.49 -2.22
C THR A 84 -4.04 -9.37 -1.46
N GLU A 85 -4.85 -8.38 -1.81
CA GLU A 85 -6.18 -8.20 -1.20
C GLU A 85 -7.07 -9.43 -1.42
N GLY A 86 -7.08 -9.94 -2.63
CA GLY A 86 -7.82 -11.16 -2.99
C GLY A 86 -7.24 -12.41 -2.36
N PHE A 87 -5.91 -12.50 -2.28
CA PHE A 87 -5.23 -13.60 -1.59
C PHE A 87 -5.64 -13.72 -0.13
N LEU A 88 -5.71 -12.59 0.57
CA LEU A 88 -6.13 -12.58 1.97
C LEU A 88 -7.59 -13.02 2.11
N HIS A 89 -8.45 -12.52 1.22
CA HIS A 89 -9.87 -12.92 1.16
C HIS A 89 -10.03 -14.43 0.92
N TYR A 90 -9.25 -14.96 -0.02
CA TYR A 90 -9.18 -16.40 -0.27
C TYR A 90 -8.82 -17.16 1.01
N VAL A 91 -7.67 -16.82 1.58
CA VAL A 91 -7.15 -17.47 2.80
C VAL A 91 -8.13 -17.34 3.98
N ALA A 92 -8.73 -16.15 4.15
CA ALA A 92 -9.68 -15.91 5.23
C ALA A 92 -10.89 -16.84 5.13
N HIS A 93 -11.53 -16.86 3.96
CA HIS A 93 -12.66 -17.74 3.68
C HIS A 93 -12.33 -19.23 3.89
N ARG A 94 -11.21 -19.66 3.34
CA ARG A 94 -10.80 -21.06 3.42
C ARG A 94 -10.42 -21.50 4.84
N PHE A 95 -9.86 -20.59 5.64
CA PHE A 95 -9.61 -20.86 7.07
C PHE A 95 -10.92 -21.09 7.85
N LEU A 96 -11.88 -20.19 7.65
CA LEU A 96 -13.18 -20.29 8.33
C LEU A 96 -13.99 -21.50 7.86
N ASP A 97 -13.93 -21.81 6.57
CA ASP A 97 -14.65 -22.95 6.00
C ASP A 97 -14.08 -24.33 6.37
N THR A 98 -12.78 -24.42 6.67
CA THR A 98 -12.13 -25.71 7.00
C THR A 98 -11.79 -25.93 8.49
N TYR A 99 -11.89 -24.89 9.32
CA TYR A 99 -11.68 -24.99 10.77
C TYR A 99 -12.95 -24.52 11.49
N SER A 100 -13.68 -25.45 12.12
CA SER A 100 -15.00 -25.17 12.69
C SER A 100 -14.99 -24.33 13.96
N HIS A 101 -14.03 -24.60 14.84
CA HIS A 101 -13.94 -23.90 16.14
C HIS A 101 -13.47 -22.45 16.03
N MET A 102 -12.82 -22.10 14.93
CA MET A 102 -12.40 -20.74 14.64
C MET A 102 -13.62 -19.86 14.34
N ASP A 103 -13.76 -18.75 15.08
CA ASP A 103 -14.84 -17.78 14.91
C ASP A 103 -14.39 -16.47 14.25
N THR A 104 -13.19 -16.01 14.59
CA THR A 104 -12.63 -14.75 14.06
C THR A 104 -11.27 -15.01 13.40
N ILE A 105 -10.94 -14.20 12.40
CA ILE A 105 -9.61 -14.22 11.78
C ILE A 105 -9.21 -12.81 11.32
N THR A 106 -7.99 -12.40 11.67
CA THR A 106 -7.41 -11.15 11.20
C THR A 106 -6.16 -11.50 10.40
N LEU A 107 -6.15 -11.12 9.12
CA LEU A 107 -5.00 -11.32 8.24
C LEU A 107 -4.38 -9.99 7.86
N THR A 108 -3.05 -9.94 7.92
CA THR A 108 -2.26 -8.79 7.48
C THR A 108 -1.31 -9.26 6.40
N GLY A 109 -1.24 -8.53 5.29
CA GLY A 109 -0.37 -8.88 4.16
C GLY A 109 0.49 -7.70 3.76
N GLU A 110 1.79 -7.79 4.05
CA GLU A 110 2.76 -6.74 3.71
C GLU A 110 3.53 -7.09 2.44
N ASP A 111 3.36 -6.27 1.41
CA ASP A 111 4.02 -6.47 0.13
C ASP A 111 5.54 -6.32 0.26
N ILE A 112 6.26 -7.23 -0.38
CA ILE A 112 7.70 -7.10 -0.58
C ILE A 112 7.84 -6.65 -2.04
N PRO A 113 7.99 -5.34 -2.29
CA PRO A 113 7.92 -4.84 -3.66
C PRO A 113 9.14 -5.24 -4.50
N PHE A 114 8.88 -5.71 -5.72
CA PHE A 114 9.94 -6.03 -6.68
C PHE A 114 9.83 -5.09 -7.87
N GLU A 115 10.96 -4.52 -8.28
CA GLU A 115 11.03 -3.50 -9.33
C GLU A 115 11.92 -3.97 -10.47
N ALA A 116 11.36 -4.10 -11.67
CA ALA A 116 12.11 -4.59 -12.83
C ALA A 116 13.28 -3.69 -13.18
N MET A 117 14.42 -4.31 -13.53
CA MET A 117 15.67 -3.60 -13.79
C MET A 117 15.95 -3.49 -15.29
N PRO A 118 16.86 -2.57 -15.70
CA PRO A 118 17.18 -2.45 -17.13
C PRO A 118 17.88 -3.68 -17.73
N ALA A 119 17.72 -3.85 -19.03
CA ALA A 119 18.36 -4.92 -19.80
C ALA A 119 18.72 -4.42 -21.19
N TYR A 120 19.96 -4.67 -21.60
CA TYR A 120 20.45 -4.28 -22.93
C TYR A 120 20.45 -5.52 -23.84
N GLU A 121 19.47 -5.57 -24.74
CA GLU A 121 19.25 -6.73 -25.61
C GLU A 121 18.96 -6.25 -27.04
N GLU A 122 19.63 -6.86 -28.02
CA GLU A 122 19.49 -6.51 -29.46
C GLU A 122 19.83 -5.04 -29.74
N LYS A 123 20.88 -4.53 -29.09
CA LYS A 123 21.29 -3.13 -29.19
C LYS A 123 20.19 -2.12 -28.82
N GLU A 124 19.39 -2.46 -27.80
CA GLU A 124 18.25 -1.64 -27.37
C GLU A 124 18.01 -1.76 -25.87
N LEU A 125 18.08 -0.63 -25.16
CA LEU A 125 17.88 -0.59 -23.72
C LEU A 125 16.39 -0.70 -23.38
N SER A 126 16.03 -1.75 -22.65
CA SER A 126 14.63 -2.03 -22.29
C SER A 126 14.52 -2.49 -20.83
N THR A 127 13.29 -2.69 -20.37
CA THR A 127 13.02 -3.22 -19.03
C THR A 127 13.04 -4.75 -19.05
N SER A 128 13.77 -5.34 -18.11
CA SER A 128 13.85 -6.79 -17.96
C SER A 128 12.52 -7.39 -17.50
N ARG A 129 12.26 -8.63 -17.93
CA ARG A 129 11.18 -9.45 -17.39
C ARG A 129 11.74 -10.56 -16.48
N LEU A 130 13.05 -10.51 -16.22
CA LEU A 130 13.75 -11.53 -15.43
C LEU A 130 14.40 -10.97 -14.16
N VAL A 131 15.15 -9.87 -14.29
CA VAL A 131 15.93 -9.31 -13.16
C VAL A 131 15.12 -8.23 -12.45
N PHE A 132 14.97 -8.39 -11.12
CA PHE A 132 14.19 -7.47 -10.29
C PHE A 132 14.98 -7.03 -9.06
N ARG A 133 14.92 -5.75 -8.73
CA ARG A 133 15.37 -5.24 -7.43
C ARG A 133 14.32 -5.59 -6.37
N ARG A 134 14.78 -6.01 -5.19
CA ARG A 134 13.94 -6.07 -4.00
C ARG A 134 13.99 -4.68 -3.36
N SER A 135 12.84 -4.00 -3.32
CA SER A 135 12.77 -2.61 -2.87
C SER A 135 12.52 -2.50 -1.38
N ARG A 136 13.20 -1.53 -0.75
CA ARG A 136 13.03 -1.20 0.66
C ARG A 136 12.41 0.19 0.85
N ASN A 137 11.94 0.82 -0.24
CA ASN A 137 11.19 2.10 -0.18
C ASN A 137 9.72 1.82 0.21
N GLU A 138 8.79 2.70 -0.16
CA GLU A 138 7.37 2.49 0.17
C GLU A 138 6.85 1.12 -0.29
N ARG A 139 5.85 0.62 0.41
CA ARG A 139 5.33 -0.73 0.21
C ARG A 139 3.86 -0.78 0.59
N SER A 140 3.07 -1.51 -0.19
CA SER A 140 1.65 -1.65 0.11
C SER A 140 1.45 -2.65 1.25
N ARG A 141 0.36 -2.47 1.99
CA ARG A 141 -0.06 -3.41 3.02
C ARG A 141 -1.57 -3.51 2.99
N SER A 142 -2.09 -4.71 3.23
CA SER A 142 -3.53 -4.95 3.30
C SER A 142 -3.90 -5.68 4.59
N VAL A 143 -4.98 -5.23 5.22
CA VAL A 143 -5.54 -5.88 6.40
C VAL A 143 -6.95 -6.35 6.07
N LEU A 144 -7.29 -7.54 6.55
CA LEU A 144 -8.64 -8.09 6.39
C LEU A 144 -9.05 -8.79 7.67
N LYS A 145 -10.23 -8.42 8.18
CA LYS A 145 -10.80 -9.06 9.35
C LYS A 145 -12.16 -9.66 8.98
N ALA A 146 -12.33 -10.96 9.23
CA ALA A 146 -13.57 -11.66 8.90
C ALA A 146 -14.09 -12.48 10.09
N GLU A 147 -15.42 -12.52 10.24
CA GLU A 147 -16.08 -13.20 11.36
C GLU A 147 -17.11 -14.21 10.88
N ARG A 148 -17.45 -15.14 11.76
CA ARG A 148 -18.52 -16.11 11.55
C ARG A 148 -19.81 -15.57 12.18
N SER A 149 -20.82 -15.29 11.35
CA SER A 149 -22.13 -14.83 11.84
C SER A 149 -23.22 -14.97 10.75
N GLY A 150 -24.13 -15.94 10.86
CA GLY A 150 -24.08 -17.06 11.80
C GLY A 150 -24.52 -18.29 11.03
N ASN A 151 -23.77 -18.59 9.98
CA ASN A 151 -24.18 -19.35 8.78
C ASN A 151 -23.58 -18.71 7.51
N THR A 152 -23.14 -17.46 7.60
CA THR A 152 -22.38 -16.79 6.54
C THR A 152 -21.15 -16.08 7.13
N ILE A 153 -20.16 -15.83 6.27
CA ILE A 153 -18.93 -15.14 6.64
C ILE A 153 -19.09 -13.65 6.36
N THR A 154 -18.83 -12.82 7.37
CA THR A 154 -18.96 -11.36 7.26
C THR A 154 -17.59 -10.69 7.42
N ILE A 155 -17.34 -9.67 6.60
CA ILE A 155 -16.11 -8.88 6.68
C ILE A 155 -16.32 -7.73 7.65
N THR A 156 -15.55 -7.73 8.74
CA THR A 156 -15.70 -6.71 9.82
C THR A 156 -14.81 -5.49 9.57
N GLU A 157 -13.61 -5.72 9.03
CA GLU A 157 -12.71 -4.65 8.64
C GLU A 157 -11.97 -5.04 7.36
N GLN A 158 -11.72 -4.05 6.52
CA GLN A 158 -10.89 -4.22 5.33
C GLN A 158 -10.35 -2.88 4.86
N TYR A 159 -9.03 -2.79 4.74
CA TYR A 159 -8.39 -1.65 4.10
C TYR A 159 -7.07 -2.03 3.46
N SER A 160 -6.67 -1.26 2.47
CA SER A 160 -5.35 -1.36 1.86
C SER A 160 -4.63 -0.05 2.10
N GLU A 161 -3.31 -0.11 2.04
CA GLU A 161 -2.48 0.96 2.55
C GLU A 161 -1.18 1.05 1.76
N ILE A 162 -0.67 2.26 1.59
CA ILE A 162 0.74 2.43 1.19
C ILE A 162 1.50 3.03 2.37
N MET A 163 2.60 2.38 2.75
CA MET A 163 3.36 2.72 3.95
C MET A 163 4.70 3.31 3.60
N ASP A 164 5.24 4.08 4.55
CA ASP A 164 6.63 4.55 4.52
C ASP A 164 7.00 5.28 3.23
N LEU A 165 6.12 6.20 2.82
CA LEU A 165 6.33 7.06 1.66
C LEU A 165 7.01 8.34 2.14
N GLN A 166 8.29 8.47 1.83
CA GLN A 166 9.13 9.56 2.35
C GLN A 166 9.42 10.58 1.25
N LEU A 167 8.78 11.75 1.34
CA LEU A 167 8.82 12.77 0.28
C LEU A 167 9.33 14.11 0.79
N VAL A 168 10.34 14.65 0.12
CA VAL A 168 10.89 15.97 0.41
C VAL A 168 10.64 16.92 -0.78
N LYS A 169 10.09 18.10 -0.49
CA LYS A 169 9.88 19.13 -1.51
C LYS A 169 10.79 20.33 -1.28
N VAL A 170 11.68 20.59 -2.23
CA VAL A 170 12.52 21.79 -2.21
C VAL A 170 11.73 23.01 -2.69
N SER A 171 12.01 24.17 -2.11
CA SER A 171 11.21 25.40 -2.32
C SER A 171 11.03 25.78 -3.79
N GLY A 172 12.13 25.81 -4.54
CA GLY A 172 12.13 26.22 -5.95
C GLY A 172 13.06 27.39 -6.18
N ARG A 192 11.96 26.62 4.19
CA ARG A 192 12.62 25.38 4.55
C ARG A 192 11.91 24.20 3.86
N PRO A 193 12.67 23.25 3.28
CA PRO A 193 12.04 22.19 2.48
C PRO A 193 11.29 21.16 3.33
N LEU A 194 10.00 20.98 3.03
CA LEU A 194 9.12 20.13 3.83
C LEU A 194 9.37 18.66 3.52
N PHE A 195 9.76 17.90 4.55
CA PHE A 195 10.05 16.46 4.43
C PHE A 195 9.03 15.70 5.27
N VAL A 196 8.11 14.99 4.59
CA VAL A 196 7.07 14.22 5.26
C VAL A 196 7.15 12.72 4.97
N TYR A 197 6.87 11.92 6.01
CA TYR A 197 6.61 10.49 5.88
C TYR A 197 5.10 10.34 5.86
N LEU A 198 4.58 9.53 4.94
CA LEU A 198 3.13 9.34 4.79
C LEU A 198 2.76 7.86 4.71
N ASN A 199 1.90 7.42 5.62
CA ASN A 199 1.13 6.20 5.44
C ASN A 199 -0.27 6.64 4.99
N ILE A 200 -0.77 6.05 3.90
CA ILE A 200 -2.10 6.38 3.37
C ILE A 200 -2.91 5.10 3.23
N SER A 201 -4.11 5.08 3.81
CA SER A 201 -5.03 3.95 3.78
C SER A 201 -6.29 4.31 3.00
N TRP A 202 -7.03 3.29 2.57
CA TRP A 202 -8.33 3.50 1.92
C TRP A 202 -9.26 2.30 2.09
N GLN A 203 -10.55 2.59 2.25
CA GLN A 203 -11.59 1.57 2.39
C GLN A 203 -12.55 1.67 1.21
N TYR A 204 -12.91 0.52 0.66
CA TYR A 204 -13.86 0.45 -0.46
C TYR A 204 -15.29 0.46 0.07
N GLU A 205 -16.18 1.10 -0.68
CA GLU A 205 -17.63 1.00 -0.42
C GLU A 205 -18.07 -0.45 -0.65
N ASN A 206 -17.64 -1.00 -1.78
CA ASN A 206 -17.92 -2.40 -2.15
C ASN A 206 -16.65 -3.23 -1.97
N THR A 207 -16.70 -4.15 -1.02
CA THR A 207 -15.51 -4.88 -0.56
C THR A 207 -14.91 -5.82 -1.63
N ASN A 208 -15.75 -6.29 -2.56
CA ASN A 208 -15.31 -7.07 -3.73
C ASN A 208 -14.46 -6.30 -4.74
N ASP A 209 -14.60 -4.97 -4.79
CA ASP A 209 -13.77 -4.12 -5.66
C ASP A 209 -12.28 -4.16 -5.28
N SER A 210 -11.99 -4.51 -4.03
CA SER A 210 -10.63 -4.64 -3.53
C SER A 210 -9.80 -5.78 -4.15
N TYR A 211 -10.45 -6.82 -4.68
CA TYR A 211 -9.73 -8.02 -5.15
C TYR A 211 -9.34 -7.99 -6.63
N ALA A 212 -9.77 -6.95 -7.36
CA ALA A 212 -9.41 -6.74 -8.77
C ALA A 212 -9.87 -7.84 -9.73
N SER A 213 -11.00 -8.49 -9.40
CA SER A 213 -11.59 -9.49 -10.30
C SER A 213 -12.16 -8.73 -11.50
N ASP A 214 -12.94 -7.69 -11.21
CA ASP A 214 -13.17 -6.59 -12.15
C ASP A 214 -12.00 -5.62 -11.93
N PRO A 215 -10.99 -5.63 -12.83
CA PRO A 215 -9.79 -4.81 -12.56
C PRO A 215 -10.00 -3.29 -12.61
N ALA A 216 -11.02 -2.84 -13.35
CA ALA A 216 -11.34 -1.41 -13.47
C ALA A 216 -11.79 -0.74 -12.15
N ARG A 217 -12.26 -1.55 -11.20
CA ARG A 217 -12.71 -1.07 -9.89
C ARG A 217 -11.65 -1.21 -8.78
N TYR A 218 -10.44 -1.63 -9.14
CA TYR A 218 -9.34 -1.77 -8.18
C TYR A 218 -8.57 -0.46 -8.05
N VAL A 219 -8.25 -0.11 -6.80
CA VAL A 219 -7.39 1.04 -6.50
C VAL A 219 -5.99 0.53 -6.18
N ALA A 220 -5.06 0.75 -7.10
CA ALA A 220 -3.68 0.32 -6.92
C ALA A 220 -2.92 1.30 -6.02
N ALA A 221 -2.03 0.77 -5.18
CA ALA A 221 -1.17 1.59 -4.34
C ALA A 221 -0.22 2.46 -5.16
N GLU A 222 0.16 1.97 -6.34
CA GLU A 222 0.99 2.73 -7.29
C GLU A 222 0.32 4.06 -7.68
N GLN A 223 -0.97 4.02 -7.98
CA GLN A 223 -1.73 5.21 -8.37
C GLN A 223 -1.95 6.18 -7.21
N VAL A 224 -2.25 5.65 -6.02
CA VAL A 224 -2.39 6.46 -4.80
C VAL A 224 -1.07 7.19 -4.49
N ARG A 225 0.03 6.46 -4.63
CA ARG A 225 1.38 6.98 -4.42
C ARG A 225 1.71 8.13 -5.37
N ASP A 226 1.45 7.95 -6.66
CA ASP A 226 1.72 8.99 -7.67
C ASP A 226 0.79 10.18 -7.51
N LEU A 227 -0.49 9.93 -7.22
CA LEU A 227 -1.43 10.99 -6.85
C LEU A 227 -0.89 11.87 -5.72
N ALA A 228 -0.36 11.23 -4.68
CA ALA A 228 0.20 11.91 -3.52
C ALA A 228 1.37 12.84 -3.85
N SER A 229 2.18 12.48 -4.85
CA SER A 229 3.30 13.31 -5.29
C SER A 229 2.91 14.39 -6.31
N THR A 230 1.85 14.17 -7.10
CA THR A 230 1.35 15.19 -8.05
C THR A 230 0.68 16.34 -7.30
N VAL A 231 -0.18 15.99 -6.34
CA VAL A 231 -0.58 16.92 -5.27
C VAL A 231 0.71 17.04 -4.46
N PHE A 232 0.93 18.15 -3.76
CA PHE A 232 2.20 18.40 -3.04
C PHE A 232 3.15 19.16 -3.95
N HIS A 233 3.42 18.62 -5.14
CA HIS A 233 4.13 19.36 -6.18
C HIS A 233 3.39 20.65 -6.53
N GLU A 234 2.10 20.53 -6.84
CA GLU A 234 1.32 21.66 -7.34
C GLU A 234 0.89 22.66 -6.25
N LEU A 235 0.70 22.18 -5.02
CA LEU A 235 0.33 23.06 -3.91
C LEU A 235 1.52 23.94 -3.51
N GLU A 236 1.26 25.25 -3.38
CA GLU A 236 2.29 26.22 -3.04
C GLU A 236 2.46 26.30 -1.53
N THR A 237 3.68 26.04 -1.06
CA THR A 237 4.07 26.13 0.37
C THR A 237 3.01 25.66 1.38
N PRO A 238 2.47 24.43 1.19
CA PRO A 238 1.33 23.99 1.98
C PRO A 238 1.72 23.44 3.35
N SER A 239 0.79 23.54 4.30
N SER A 239 0.79 23.53 4.31
CA SER A 239 0.92 22.89 5.61
CA SER A 239 0.95 22.89 5.61
C SER A 239 0.66 21.39 5.45
C SER A 239 0.65 21.40 5.45
N ILE A 240 1.00 20.63 6.48
CA ILE A 240 0.82 19.16 6.44
C ILE A 240 -0.66 18.75 6.48
N GLN A 241 -1.47 19.37 7.35
CA GLN A 241 -2.92 19.07 7.40
C GLN A 241 -3.60 19.44 6.07
N ASN A 242 -3.18 20.56 5.48
CA ASN A 242 -3.68 21.01 4.19
C ASN A 242 -3.22 20.09 3.06
N LEU A 243 -1.96 19.65 3.12
CA LEU A 243 -1.39 18.72 2.14
C LEU A 243 -2.15 17.39 2.11
N ILE A 244 -2.33 16.78 3.28
CA ILE A 244 -3.02 15.48 3.38
C ILE A 244 -4.53 15.58 3.11
N TYR A 245 -5.13 16.75 3.39
CA TYR A 245 -6.53 17.01 3.03
C TYR A 245 -6.72 17.04 1.51
N HIS A 246 -5.80 17.71 0.81
CA HIS A 246 -5.87 17.77 -0.66
C HIS A 246 -5.57 16.43 -1.35
N ILE A 247 -4.64 15.66 -0.79
CA ILE A 247 -4.36 14.30 -1.29
C ILE A 247 -5.59 13.41 -1.15
N GLY A 248 -6.22 13.45 0.02
CA GLY A 248 -7.42 12.67 0.31
C GLY A 248 -8.57 12.95 -0.63
N CYS A 249 -8.92 14.23 -0.75
CA CYS A 249 -9.99 14.68 -1.65
C CYS A 249 -9.71 14.27 -3.11
N ARG A 250 -8.47 14.41 -3.54
CA ARG A 250 -8.09 14.04 -4.91
C ARG A 250 -8.21 12.53 -5.16
N ILE A 251 -7.81 11.72 -4.18
CA ILE A 251 -7.97 10.26 -4.26
C ILE A 251 -9.45 9.86 -4.33
N LEU A 252 -10.28 10.50 -3.50
CA LEU A 252 -11.73 10.26 -3.51
C LEU A 252 -12.37 10.70 -4.82
N ALA A 253 -11.94 11.83 -5.36
CA ALA A 253 -12.41 12.33 -6.65
C ALA A 253 -12.07 11.35 -7.79
N ARG A 254 -10.82 10.88 -7.78
CA ARG A 254 -10.33 9.98 -8.83
C ARG A 254 -10.84 8.54 -8.67
N PHE A 255 -11.24 8.16 -7.45
CA PHE A 255 -11.75 6.81 -7.17
C PHE A 255 -13.07 6.89 -6.39
N PRO A 256 -14.22 6.99 -7.10
CA PRO A 256 -15.53 7.02 -6.40
C PRO A 256 -15.93 5.72 -5.67
N GLN A 257 -15.30 4.60 -6.02
CA GLN A 257 -15.36 3.34 -5.25
C GLN A 257 -15.10 3.51 -3.74
N LEU A 258 -14.17 4.40 -3.39
CA LEU A 258 -13.70 4.55 -2.01
C LEU A 258 -14.66 5.37 -1.15
N THR A 259 -14.80 4.96 0.11
CA THR A 259 -15.61 5.67 1.10
C THR A 259 -14.79 6.74 1.82
N ASP A 260 -13.58 6.40 2.21
CA ASP A 260 -12.70 7.32 2.94
C ASP A 260 -11.23 6.97 2.75
N VAL A 261 -10.38 7.96 3.00
CA VAL A 261 -8.93 7.83 2.89
C VAL A 261 -8.30 8.34 4.19
N SER A 262 -7.54 7.50 4.89
CA SER A 262 -6.89 7.88 6.14
C SER A 262 -5.40 8.14 5.95
N PHE A 263 -4.84 8.96 6.84
CA PHE A 263 -3.45 9.40 6.75
C PHE A 263 -2.79 9.32 8.11
N GLN A 264 -1.62 8.71 8.17
CA GLN A 264 -0.71 8.89 9.29
C GLN A 264 0.53 9.58 8.72
N SER A 265 0.76 10.82 9.11
CA SER A 265 1.86 11.63 8.58
C SER A 265 2.91 11.89 9.67
N GLN A 266 4.17 12.07 9.26
CA GLN A 266 5.25 12.50 10.17
C GLN A 266 6.11 13.59 9.54
N ASN A 267 6.40 14.63 10.33
CA ASN A 267 7.24 15.75 9.89
C ASN A 267 8.70 15.50 10.29
N HIS A 268 9.58 15.42 9.29
CA HIS A 268 11.00 15.18 9.52
C HIS A 268 11.85 16.23 8.78
N THR A 269 11.39 17.48 8.82
CA THR A 269 12.07 18.59 8.15
C THR A 269 13.43 18.87 8.79
N TRP A 270 14.43 19.16 7.96
CA TRP A 270 15.83 19.32 8.39
C TRP A 270 16.08 20.65 9.08
N ASP A 271 17.18 20.71 9.82
CA ASP A 271 17.64 21.97 10.42
C ASP A 271 18.63 22.66 9.48
N THR A 272 18.46 23.97 9.32
CA THR A 272 19.37 24.78 8.50
C THR A 272 20.66 25.01 9.28
N VAL A 273 21.79 24.88 8.59
CA VAL A 273 23.11 25.20 9.17
C VAL A 273 23.77 26.40 8.45
N VAL A 274 23.66 26.44 7.12
CA VAL A 274 24.12 27.58 6.32
C VAL A 274 22.91 28.17 5.59
N GLU A 275 22.50 29.38 5.99
CA GLU A 275 21.32 30.04 5.41
C GLU A 275 21.60 30.67 4.05
N GLU A 276 22.81 31.18 3.84
CA GLU A 276 23.18 31.96 2.65
C GLU A 276 24.48 31.45 2.02
N ILE A 277 24.43 31.13 0.73
CA ILE A 277 25.62 30.73 -0.03
C ILE A 277 25.84 31.76 -1.14
N PRO A 278 27.02 32.42 -1.15
CA PRO A 278 27.38 33.34 -2.25
C PRO A 278 27.35 32.65 -3.61
N GLY A 279 26.68 33.29 -4.58
CA GLY A 279 26.60 32.76 -5.95
C GLY A 279 25.43 31.80 -6.12
N SER A 280 25.44 30.73 -5.34
CA SER A 280 24.40 29.70 -5.42
C SER A 280 23.04 30.14 -4.90
N LYS A 281 22.04 29.39 -5.34
CA LYS A 281 20.63 29.58 -4.98
C LYS A 281 20.27 28.81 -3.69
N GLY A 282 21.09 27.83 -3.32
CA GLY A 282 20.72 26.85 -2.30
C GLY A 282 21.28 27.08 -0.89
N LYS A 283 20.98 26.12 -0.02
CA LYS A 283 21.36 26.13 1.39
C LYS A 283 21.92 24.77 1.78
N VAL A 284 22.57 24.71 2.94
CA VAL A 284 23.00 23.45 3.55
C VAL A 284 22.17 23.18 4.80
N TYR A 285 21.73 21.93 4.97
CA TYR A 285 20.94 21.49 6.11
C TYR A 285 21.58 20.26 6.76
N THR A 286 21.07 19.89 7.93
CA THR A 286 21.51 18.68 8.62
C THR A 286 20.34 17.97 9.32
N GLU A 287 20.63 16.77 9.81
CA GLU A 287 19.62 15.93 10.45
C GLU A 287 19.22 16.57 11.78
N PRO A 288 17.91 16.67 12.05
CA PRO A 288 17.46 17.25 13.32
C PRO A 288 17.54 16.26 14.47
N ARG A 289 17.14 16.72 15.66
CA ARG A 289 16.98 15.84 16.81
C ARG A 289 15.78 14.90 16.56
N PRO A 290 15.72 13.76 17.29
CA PRO A 290 14.66 12.76 17.04
C PRO A 290 13.19 13.20 17.05
N PRO A 291 12.80 14.18 17.91
CA PRO A 291 11.36 14.47 17.96
C PRO A 291 10.73 14.83 16.61
N TYR A 292 9.54 14.31 16.34
CA TYR A 292 8.81 14.59 15.11
C TYR A 292 7.34 14.88 15.41
N GLY A 293 6.76 15.81 14.66
CA GLY A 293 5.33 16.07 14.71
C GLY A 293 4.61 15.02 13.87
N PHE A 294 3.40 14.63 14.29
CA PHE A 294 2.59 13.70 13.51
C PHE A 294 1.11 14.09 13.52
N GLN A 295 0.37 13.59 12.54
CA GLN A 295 -1.06 13.83 12.42
C GLN A 295 -1.77 12.56 11.96
N HIS A 296 -2.94 12.29 12.55
CA HIS A 296 -3.87 11.27 12.07
C HIS A 296 -5.13 11.99 11.61
N PHE A 297 -5.50 11.80 10.34
CA PHE A 297 -6.73 12.38 9.79
C PHE A 297 -7.29 11.49 8.69
N THR A 298 -8.62 11.43 8.60
CA THR A 298 -9.29 10.71 7.52
C THR A 298 -10.23 11.67 6.77
N VAL A 299 -10.07 11.72 5.44
CA VAL A 299 -10.97 12.47 4.57
C VAL A 299 -12.07 11.51 4.12
N THR A 300 -13.32 11.82 4.47
CA THR A 300 -14.47 10.98 4.12
C THR A 300 -15.14 11.47 2.83
N ARG A 301 -16.17 10.75 2.39
CA ARG A 301 -16.90 11.06 1.14
C ARG A 301 -17.57 12.44 1.20
N GLU A 302 -18.29 12.70 2.29
CA GLU A 302 -18.94 13.99 2.53
C GLU A 302 -17.98 15.20 2.44
N ASP A 303 -16.75 15.03 2.91
CA ASP A 303 -15.75 16.10 2.89
C ASP A 303 -15.26 16.51 1.49
N ALA A 304 -15.44 15.65 0.50
CA ALA A 304 -15.05 15.97 -0.89
C ALA A 304 -15.89 17.11 -1.47
#